data_8JGT
#
_entry.id   8JGT
#
_cell.length_a   164.940
_cell.length_b   164.940
_cell.length_c   39.210
_cell.angle_alpha   90.00
_cell.angle_beta   90.00
_cell.angle_gamma   120.00
#
_symmetry.space_group_name_H-M   'P 61'
#
loop_
_entity.id
_entity.type
_entity.pdbx_description
1 polymer Exopolyphosphatase
2 non-polymer 'SULFATE ION'
3 non-polymer 'MAGNESIUM ION'
4 water water
#
_entity_poly.entity_id   1
_entity_poly.type   'polypeptide(L)'
_entity_poly.pdbx_seq_one_letter_code
;MGSSHHHHHHSSGLVPRGSHMRVAVADVGTNSSHLLIAEALPGDAGGFRVIDTLKDRTRLGECLDTRGELTPEGEERLAS
ALTRFRELAASAGAGDVRVYATSALREAPNGAEVAERVRQRTGLYPAVISGVRAGELTYLGVREAVELGPDNVLLDLGGG
SLEFVRGAEERAADVLSLPLGAIRMTRAFPEGDGKNAGRDVADAVARQVRELLRPHAGRFAARPGTQFFLSSGTAEAAAD
AIAQRRGGRPAEAAGGVNGERFTLTELADLLAHVARLRPAQRARVPGLERRGDTILAALSVLHAALDALGAREVTVSEGA
LREGMLIEELAQVQTFSLALSTRQRSVLATAGRFGVNLSHAGQVAELSRELFDRLLAAGETFPPPARSLLTAAAVLHEAG
QIVSQSSHHKHGAYLIRHAGLRGFGPQDIELIAQIARYHRKSLPKPSHPDYVALAPADRALVARLAGILRVADGLDRAHT
GLARVDDLRRQGQGWQLRVSGVTPLDLAGVGEKGDLWAREFGPLSVQNAAEAKAT
;
_entity_poly.pdbx_strand_id   A
#
loop_
_chem_comp.id
_chem_comp.type
_chem_comp.name
_chem_comp.formula
MG non-polymer 'MAGNESIUM ION' 'Mg 2'
SO4 non-polymer 'SULFATE ION' 'O4 S -2'
#
# COMPACT_ATOMS: atom_id res chain seq x y z
N SER A 19 17.38 -16.25 -13.37
CA SER A 19 16.93 -15.13 -12.56
C SER A 19 15.48 -15.28 -12.12
N HIS A 20 15.13 -14.59 -11.04
CA HIS A 20 13.80 -14.68 -10.49
C HIS A 20 13.03 -13.37 -10.74
N MET A 21 11.96 -13.13 -9.96
CA MET A 21 11.09 -11.94 -10.22
C MET A 21 11.50 -10.76 -9.33
N ARG A 22 11.94 -9.64 -9.92
CA ARG A 22 12.24 -8.42 -9.16
C ARG A 22 10.98 -7.57 -9.03
N VAL A 23 10.65 -7.16 -7.79
CA VAL A 23 9.40 -6.38 -7.58
C VAL A 23 9.71 -5.09 -6.84
N ALA A 24 8.92 -4.04 -7.07
CA ALA A 24 9.12 -2.77 -6.38
C ALA A 24 7.80 -2.30 -5.77
N VAL A 25 7.87 -1.91 -4.51
CA VAL A 25 6.78 -1.25 -3.80
C VAL A 25 7.32 0.02 -3.18
N ALA A 26 6.42 0.98 -2.99
CA ALA A 26 6.74 2.26 -2.39
C ALA A 26 5.52 2.77 -1.63
N ASP A 27 5.81 3.48 -0.54
CA ASP A 27 4.77 4.13 0.25
C ASP A 27 5.11 5.61 0.31
N VAL A 28 4.07 6.42 0.39
CA VAL A 28 4.17 7.87 0.57
C VAL A 28 3.41 8.19 1.85
N GLY A 29 4.13 8.58 2.90
CA GLY A 29 3.52 9.01 4.14
C GLY A 29 3.53 10.53 4.27
N THR A 30 3.26 10.98 5.49
CA THR A 30 3.20 12.41 5.79
C THR A 30 4.60 13.00 5.89
N ASN A 31 5.52 12.31 6.55
CA ASN A 31 6.90 12.76 6.66
C ASN A 31 7.78 12.29 5.51
N SER A 32 7.82 10.99 5.24
CA SER A 32 8.77 10.51 4.26
C SER A 32 8.09 9.53 3.30
N SER A 33 8.78 9.28 2.20
CA SER A 33 8.42 8.25 1.25
C SER A 33 9.48 7.15 1.28
N HIS A 34 9.05 5.94 0.99
CA HIS A 34 9.93 4.77 1.12
C HIS A 34 9.79 3.87 -0.09
N LEU A 35 10.89 3.23 -0.46
CA LEU A 35 10.92 2.32 -1.61
C LEU A 35 11.56 1.01 -1.18
N LEU A 36 10.98 -0.10 -1.65
CA LEU A 36 11.59 -1.42 -1.46
C LEU A 36 11.65 -2.10 -2.81
N ILE A 37 12.85 -2.52 -3.19
CA ILE A 37 13.09 -3.35 -4.37
C ILE A 37 13.56 -4.70 -3.86
N ALA A 38 12.84 -5.75 -4.24
CA ALA A 38 13.16 -7.11 -3.80
C ALA A 38 12.92 -8.10 -4.92
N GLU A 39 13.38 -9.32 -4.65
CA GLU A 39 13.21 -10.46 -5.53
C GLU A 39 12.51 -11.57 -4.76
N ALA A 40 11.52 -12.20 -5.40
CA ALA A 40 10.76 -13.28 -4.80
C ALA A 40 11.66 -14.48 -4.50
N LEU A 41 11.24 -15.26 -3.51
CA LEU A 41 12.06 -16.40 -3.14
C LEU A 41 11.60 -17.66 -3.88
N PRO A 42 12.55 -18.47 -4.35
CA PRO A 42 12.18 -19.74 -4.96
C PRO A 42 11.44 -20.61 -3.97
N GLY A 43 10.37 -21.24 -4.42
CA GLY A 43 9.58 -22.10 -3.57
C GLY A 43 8.13 -21.66 -3.47
N ASP A 44 7.78 -20.57 -4.16
CA ASP A 44 6.43 -19.98 -4.11
C ASP A 44 5.90 -19.90 -2.68
N ALA A 45 6.80 -19.55 -1.76
CA ALA A 45 6.51 -19.58 -0.34
C ALA A 45 5.92 -18.29 0.19
N GLY A 46 6.02 -17.19 -0.56
CA GLY A 46 5.56 -15.89 -0.08
C GLY A 46 6.67 -14.96 0.39
N GLY A 47 7.92 -15.39 0.33
CA GLY A 47 9.03 -14.61 0.83
C GLY A 47 9.75 -13.84 -0.26
N PHE A 48 10.73 -13.05 0.18
CA PHE A 48 11.48 -12.22 -0.74
C PHE A 48 12.87 -11.96 -0.19
N ARG A 49 13.75 -11.53 -1.08
CA ARG A 49 15.10 -11.13 -0.76
C ARG A 49 15.23 -9.64 -1.09
N VAL A 50 15.76 -8.87 -0.14
CA VAL A 50 15.86 -7.43 -0.33
C VAL A 50 17.00 -7.11 -1.27
N ILE A 51 16.70 -6.40 -2.34
CA ILE A 51 17.72 -5.94 -3.27
C ILE A 51 18.17 -4.52 -2.96
N ASP A 52 17.24 -3.61 -2.75
CA ASP A 52 17.63 -2.25 -2.41
C ASP A 52 16.45 -1.55 -1.75
N THR A 53 16.77 -0.56 -0.91
CA THR A 53 15.75 0.27 -0.29
C THR A 53 16.15 1.72 -0.44
N LEU A 54 15.14 2.58 -0.42
CA LEU A 54 15.33 4.02 -0.53
C LEU A 54 14.31 4.71 0.34
N LYS A 55 14.73 5.83 0.92
CA LYS A 55 13.89 6.73 1.70
C LYS A 55 14.06 8.12 1.14
N ASP A 56 12.95 8.82 0.91
CA ASP A 56 12.95 10.21 0.49
C ASP A 56 12.23 11.02 1.56
N ARG A 57 12.88 12.06 2.07
CA ARG A 57 12.31 12.91 3.12
C ARG A 57 11.40 13.97 2.47
N THR A 58 10.27 13.48 1.92
CA THR A 58 9.40 14.31 1.08
C THR A 58 8.75 15.43 1.89
N ARG A 59 8.51 15.18 3.17
CA ARG A 59 7.96 16.16 4.11
C ARG A 59 6.72 16.85 3.55
N LEU A 60 5.78 16.03 3.07
CA LEU A 60 4.57 16.57 2.46
C LEU A 60 3.67 17.22 3.49
N GLY A 61 3.72 16.73 4.74
CA GLY A 61 2.95 17.33 5.80
C GLY A 61 3.29 18.79 6.04
N GLU A 62 4.46 19.21 5.61
CA GLU A 62 4.84 20.63 5.68
C GLU A 62 4.39 21.42 4.46
N CYS A 63 3.80 20.78 3.47
CA CYS A 63 3.38 21.42 2.23
C CYS A 63 1.85 21.45 2.09
N LEU A 64 1.14 21.50 3.20
CA LEU A 64 -0.33 21.61 3.19
C LEU A 64 -0.74 23.07 3.35
N ASP A 65 -1.84 23.46 2.70
CA ASP A 65 -2.28 24.84 2.75
C ASP A 65 -3.29 25.04 3.88
N THR A 66 -3.83 26.26 3.99
CA THR A 66 -4.82 26.57 5.02
C THR A 66 -6.08 25.72 4.90
N ARG A 67 -6.40 25.23 3.70
CA ARG A 67 -7.57 24.39 3.48
C ARG A 67 -7.29 22.89 3.51
N GLY A 68 -6.12 22.48 4.00
CA GLY A 68 -5.77 21.08 4.04
C GLY A 68 -5.32 20.46 2.74
N GLU A 69 -5.26 21.22 1.64
CA GLU A 69 -4.83 20.70 0.35
C GLU A 69 -3.32 20.77 0.21
N LEU A 70 -2.78 19.90 -0.64
CA LEU A 70 -1.34 19.87 -0.91
C LEU A 70 -0.97 20.97 -1.92
N THR A 71 0.12 21.70 -1.62
CA THR A 71 0.55 22.80 -2.47
C THR A 71 1.25 22.30 -3.73
N PRO A 72 1.38 23.15 -4.74
CA PRO A 72 2.20 22.77 -5.90
C PRO A 72 3.64 22.44 -5.53
N GLU A 73 4.21 23.10 -4.54
CA GLU A 73 5.52 22.70 -4.05
C GLU A 73 5.48 21.28 -3.47
N GLY A 74 4.42 20.94 -2.76
CA GLY A 74 4.29 19.59 -2.27
C GLY A 74 4.09 18.58 -3.39
N GLU A 75 3.41 19.00 -4.45
CA GLU A 75 3.30 18.16 -5.65
C GLU A 75 4.64 17.99 -6.35
N GLU A 76 5.47 19.03 -6.31
CA GLU A 76 6.80 18.93 -6.90
C GLU A 76 7.66 17.94 -6.12
N ARG A 77 7.61 18.03 -4.79
CA ARG A 77 8.38 17.11 -3.97
C ARG A 77 7.93 15.68 -4.21
N LEU A 78 6.63 15.46 -4.26
CA LEU A 78 6.11 14.14 -4.56
C LEU A 78 6.65 13.63 -5.89
N ALA A 79 6.60 14.45 -6.93
CA ALA A 79 7.04 13.99 -8.25
C ALA A 79 8.51 13.62 -8.25
N SER A 80 9.34 14.40 -7.54
CA SER A 80 10.75 14.09 -7.45
C SER A 80 10.95 12.74 -6.75
N ALA A 81 10.21 12.49 -5.67
CA ALA A 81 10.33 11.22 -4.97
C ALA A 81 9.98 10.05 -5.86
N LEU A 82 8.85 10.14 -6.58
CA LEU A 82 8.45 9.03 -7.44
C LEU A 82 9.38 8.89 -8.63
N THR A 83 10.04 9.98 -9.03
CA THR A 83 10.96 9.91 -10.16
C THR A 83 12.24 9.20 -9.76
N ARG A 84 12.79 9.53 -8.59
CA ARG A 84 13.90 8.76 -8.06
C ARG A 84 13.51 7.32 -7.87
N PHE A 85 12.35 7.10 -7.24
CA PHE A 85 11.91 5.74 -6.99
C PHE A 85 11.83 4.94 -8.27
N ARG A 86 11.20 5.51 -9.31
CA ARG A 86 10.96 4.74 -10.53
C ARG A 86 12.25 4.44 -11.27
N GLU A 87 13.25 5.33 -11.16
CA GLU A 87 14.53 5.09 -11.83
C GLU A 87 15.28 3.94 -11.17
N LEU A 88 15.37 3.97 -9.83
CA LEU A 88 16.04 2.89 -9.12
C LEU A 88 15.39 1.55 -9.42
N ALA A 89 14.06 1.51 -9.46
CA ALA A 89 13.38 0.24 -9.70
C ALA A 89 13.65 -0.28 -11.10
N ALA A 90 13.50 0.58 -12.13
CA ALA A 90 13.79 0.18 -13.50
C ALA A 90 15.25 -0.23 -13.64
N SER A 91 16.14 0.42 -12.89
CA SER A 91 17.55 0.05 -12.89
C SER A 91 17.76 -1.36 -12.39
N ALA A 92 16.93 -1.82 -11.45
CA ALA A 92 17.03 -3.18 -10.91
C ALA A 92 16.22 -4.21 -11.67
N GLY A 93 15.55 -3.82 -12.75
CA GLY A 93 14.68 -4.74 -13.43
C GLY A 93 13.30 -4.86 -12.84
N ALA A 94 12.96 -4.04 -11.84
CA ALA A 94 11.69 -4.22 -11.16
C ALA A 94 10.51 -3.79 -12.04
N GLY A 95 10.72 -2.76 -12.85
CA GLY A 95 9.65 -2.25 -13.70
C GLY A 95 8.63 -1.47 -12.89
N ASP A 96 7.38 -1.93 -12.89
CA ASP A 96 6.28 -1.21 -12.26
C ASP A 96 6.50 -1.10 -10.75
N VAL A 97 6.17 0.06 -10.20
CA VAL A 97 6.29 0.33 -8.77
C VAL A 97 4.89 0.58 -8.25
N ARG A 98 4.41 -0.33 -7.40
CA ARG A 98 3.14 -0.11 -6.73
C ARG A 98 3.37 0.90 -5.62
N VAL A 99 2.52 1.93 -5.59
CA VAL A 99 2.68 3.06 -4.68
C VAL A 99 1.40 3.20 -3.89
N TYR A 100 1.48 3.07 -2.57
CA TYR A 100 0.39 3.42 -1.68
C TYR A 100 0.73 4.72 -0.96
N ALA A 101 -0.29 5.56 -0.71
CA ALA A 101 -0.13 6.75 0.12
C ALA A 101 -1.09 6.67 1.30
N THR A 102 -0.64 7.20 2.44
CA THR A 102 -1.51 7.28 3.60
C THR A 102 -2.54 8.37 3.36
N SER A 103 -3.51 8.44 4.25
CA SER A 103 -4.73 9.14 3.87
C SER A 103 -4.58 10.65 3.93
N ALA A 104 -3.54 11.18 4.58
CA ALA A 104 -3.35 12.63 4.72
C ALA A 104 -2.35 13.23 3.78
N LEU A 105 -1.39 12.44 3.30
CA LEU A 105 -0.27 13.01 2.50
C LEU A 105 -0.73 13.75 1.23
N ARG A 106 -1.83 13.38 0.59
CA ARG A 106 -2.13 13.91 -0.73
C ARG A 106 -3.24 14.94 -0.72
N GLU A 107 -3.72 15.34 0.48
CA GLU A 107 -4.67 16.42 0.72
C GLU A 107 -6.08 15.96 1.06
N ALA A 108 -6.86 16.90 1.61
CA ALA A 108 -8.20 16.55 2.10
C ALA A 108 -9.23 16.41 0.99
N PRO A 109 -9.32 17.31 0.00
CA PRO A 109 -10.29 17.09 -1.08
C PRO A 109 -9.66 16.81 -2.44
N ASN A 110 -8.41 17.25 -2.70
CA ASN A 110 -7.84 17.16 -4.04
C ASN A 110 -6.90 15.95 -4.23
N GLY A 111 -6.98 14.93 -3.37
CA GLY A 111 -6.06 13.79 -3.51
C GLY A 111 -6.10 13.21 -4.91
N ALA A 112 -7.30 12.97 -5.45
CA ALA A 112 -7.44 12.40 -6.80
C ALA A 112 -6.67 13.25 -7.81
N GLU A 113 -6.84 14.58 -7.75
CA GLU A 113 -6.21 15.43 -8.76
C GLU A 113 -4.70 15.42 -8.59
N VAL A 114 -4.23 15.49 -7.35
CA VAL A 114 -2.79 15.40 -7.08
C VAL A 114 -2.23 14.09 -7.62
N ALA A 115 -2.94 12.97 -7.39
CA ALA A 115 -2.39 11.66 -7.75
C ALA A 115 -2.40 11.45 -9.27
N GLU A 116 -3.46 11.88 -9.95
CA GLU A 116 -3.48 11.87 -11.41
C GLU A 116 -2.34 12.70 -11.98
N ARG A 117 -2.08 13.87 -11.39
CA ARG A 117 -1.04 14.74 -11.92
C ARG A 117 0.32 14.06 -11.86
N VAL A 118 0.67 13.47 -10.70
CA VAL A 118 1.98 12.84 -10.59
C VAL A 118 2.07 11.61 -11.48
N ARG A 119 0.96 10.90 -11.64
CA ARG A 119 0.94 9.82 -12.63
C ARG A 119 1.31 10.34 -14.02
N GLN A 120 0.78 11.48 -14.42
CA GLN A 120 1.15 12.03 -15.73
C GLN A 120 2.63 12.41 -15.75
N ARG A 121 3.13 13.04 -14.69
CA ARG A 121 4.51 13.49 -14.70
C ARG A 121 5.52 12.37 -14.53
N THR A 122 5.22 11.33 -13.76
CA THR A 122 6.20 10.30 -13.43
C THR A 122 5.84 8.92 -13.93
N GLY A 123 4.56 8.61 -14.09
CA GLY A 123 4.12 7.26 -14.41
C GLY A 123 3.61 6.46 -13.25
N LEU A 124 3.95 6.85 -12.02
CA LEU A 124 3.51 6.14 -10.83
C LEU A 124 2.31 6.84 -10.23
N TYR A 125 1.39 6.05 -9.70
CA TYR A 125 0.13 6.60 -9.17
C TYR A 125 0.00 6.34 -7.68
N PRO A 126 0.10 7.38 -6.83
CA PRO A 126 -0.02 7.18 -5.39
C PRO A 126 -1.45 6.89 -4.96
N ALA A 127 -1.77 5.61 -4.73
CA ALA A 127 -3.10 5.20 -4.32
C ALA A 127 -3.29 5.45 -2.82
N VAL A 128 -4.27 6.27 -2.47
CA VAL A 128 -4.57 6.54 -1.07
C VAL A 128 -5.23 5.31 -0.47
N ILE A 129 -4.67 4.80 0.62
CA ILE A 129 -5.30 3.76 1.41
C ILE A 129 -5.74 4.34 2.75
N SER A 130 -6.63 3.63 3.43
CA SER A 130 -7.12 4.08 4.73
C SER A 130 -6.05 3.86 5.82
N GLY A 131 -6.29 4.47 6.97
CA GLY A 131 -5.41 4.26 8.11
C GLY A 131 -5.42 2.82 8.57
N VAL A 132 -6.59 2.17 8.51
CA VAL A 132 -6.71 0.76 8.87
C VAL A 132 -5.87 -0.12 7.95
N ARG A 133 -5.97 0.11 6.64
CA ARG A 133 -5.21 -0.74 5.75
C ARG A 133 -3.74 -0.49 5.92
N ALA A 134 -3.36 0.77 6.15
CA ALA A 134 -1.97 1.10 6.41
C ALA A 134 -1.46 0.36 7.65
N GLY A 135 -2.29 0.26 8.69
CA GLY A 135 -1.87 -0.43 9.90
C GLY A 135 -1.72 -1.92 9.69
N GLU A 136 -2.64 -2.54 8.95
CA GLU A 136 -2.53 -3.97 8.65
C GLU A 136 -1.28 -4.28 7.87
N LEU A 137 -0.98 -3.46 6.87
CA LEU A 137 0.21 -3.73 6.08
C LEU A 137 1.47 -3.48 6.90
N THR A 138 1.49 -2.38 7.67
CA THR A 138 2.62 -2.10 8.54
C THR A 138 2.89 -3.26 9.49
N TYR A 139 1.83 -3.89 10.01
CA TYR A 139 1.99 -5.01 10.93
C TYR A 139 2.68 -6.16 10.22
N LEU A 140 2.38 -6.37 8.94
CA LEU A 140 3.04 -7.43 8.20
C LEU A 140 4.52 -7.13 8.00
N GLY A 141 4.86 -5.87 7.73
CA GLY A 141 6.26 -5.50 7.65
C GLY A 141 6.97 -5.73 8.97
N VAL A 142 6.30 -5.40 10.08
CA VAL A 142 6.89 -5.66 11.40
C VAL A 142 7.14 -7.15 11.59
N ARG A 143 6.14 -7.97 11.28
CA ARG A 143 6.32 -9.42 11.22
C ARG A 143 7.58 -9.82 10.45
N GLU A 144 7.91 -9.13 9.37
CA GLU A 144 9.08 -9.50 8.58
C GLU A 144 10.39 -9.12 9.23
N ALA A 145 10.34 -8.28 10.27
CA ALA A 145 11.50 -7.71 10.92
C ALA A 145 11.78 -8.28 12.31
N VAL A 146 10.77 -8.64 13.10
CA VAL A 146 10.97 -8.97 14.51
C VAL A 146 10.24 -10.26 14.85
N GLU A 147 10.36 -10.67 16.10
CA GLU A 147 9.78 -11.93 16.56
C GLU A 147 8.50 -11.60 17.31
N LEU A 148 7.36 -11.77 16.63
CA LEU A 148 6.06 -11.53 17.23
C LEU A 148 5.63 -12.74 18.06
N GLY A 149 4.78 -12.48 19.04
CA GLY A 149 4.28 -13.51 19.93
C GLY A 149 2.84 -13.86 19.65
N PRO A 150 2.22 -14.63 20.55
CA PRO A 150 0.77 -14.88 20.42
C PRO A 150 -0.08 -13.64 20.59
N ASP A 151 0.46 -12.63 21.23
CA ASP A 151 -0.31 -11.42 21.50
C ASP A 151 0.58 -10.20 21.41
N ASN A 152 0.40 -9.42 20.36
CA ASN A 152 1.26 -8.28 20.05
C ASN A 152 0.43 -7.03 19.91
N VAL A 153 0.87 -5.96 20.54
CA VAL A 153 0.35 -4.63 20.25
C VAL A 153 1.48 -3.82 19.63
N LEU A 154 1.21 -3.25 18.45
CA LEU A 154 2.11 -2.41 17.67
C LEU A 154 1.53 -1.01 17.61
N LEU A 155 2.36 0.00 17.85
CA LEU A 155 2.00 1.38 17.56
C LEU A 155 2.91 1.87 16.43
N ASP A 156 2.31 2.49 15.41
CA ASP A 156 3.09 3.07 14.30
C ASP A 156 2.83 4.57 14.23
N LEU A 157 3.77 5.38 14.75
CA LEU A 157 3.63 6.83 14.76
C LEU A 157 4.31 7.41 13.52
N GLY A 158 3.52 8.10 12.69
CA GLY A 158 4.04 8.89 11.59
C GLY A 158 3.80 10.37 11.83
N GLY A 159 4.00 11.16 10.76
CA GLY A 159 3.78 12.60 10.87
C GLY A 159 2.33 12.98 10.95
N GLY A 160 1.44 12.14 10.43
CA GLY A 160 0.02 12.43 10.37
C GLY A 160 -0.80 11.62 11.34
N SER A 161 -0.70 10.30 11.29
CA SER A 161 -1.55 9.52 12.16
C SER A 161 -0.73 8.54 13.00
N LEU A 162 -1.40 7.95 13.97
CA LEU A 162 -0.85 6.87 14.79
C LEU A 162 -1.76 5.67 14.60
N GLU A 163 -1.20 4.55 14.17
CA GLU A 163 -1.98 3.33 14.15
C GLU A 163 -1.64 2.48 15.36
N PHE A 164 -2.68 1.99 16.01
CA PHE A 164 -2.62 0.92 17.00
C PHE A 164 -3.06 -0.36 16.30
N VAL A 165 -2.34 -1.45 16.53
CA VAL A 165 -2.63 -2.72 15.88
C VAL A 165 -2.41 -3.85 16.86
N ARG A 166 -3.37 -4.77 16.96
CA ARG A 166 -3.22 -5.96 17.79
C ARG A 166 -3.33 -7.20 16.91
N GLY A 167 -2.44 -8.15 17.13
CA GLY A 167 -2.44 -9.36 16.33
C GLY A 167 -1.74 -10.49 17.05
N ALA A 168 -1.66 -11.62 16.34
CA ALA A 168 -0.85 -12.74 16.76
C ALA A 168 0.29 -12.93 15.78
N GLU A 169 0.69 -14.16 15.58
CA GLU A 169 1.96 -14.41 14.93
C GLU A 169 1.92 -14.24 13.42
N GLU A 170 0.78 -13.95 12.81
CA GLU A 170 0.77 -13.85 11.36
C GLU A 170 0.16 -12.57 10.80
N ARG A 171 -0.98 -12.10 11.30
CA ARG A 171 -1.60 -10.92 10.71
C ARG A 171 -2.27 -10.09 11.80
N ALA A 172 -2.62 -8.86 11.45
CA ALA A 172 -3.41 -7.97 12.29
C ALA A 172 -4.81 -8.53 12.54
N ALA A 173 -5.30 -8.38 13.77
CA ALA A 173 -6.69 -8.67 14.11
C ALA A 173 -7.55 -7.43 14.35
N ASP A 174 -6.95 -6.31 14.73
CA ASP A 174 -7.72 -5.14 15.10
C ASP A 174 -6.83 -3.94 14.83
N VAL A 175 -7.37 -2.92 14.20
CA VAL A 175 -6.59 -1.71 13.89
C VAL A 175 -7.41 -0.48 14.22
N LEU A 176 -6.78 0.47 14.91
CA LEU A 176 -7.34 1.77 15.16
C LEU A 176 -6.36 2.81 14.62
N SER A 177 -6.88 3.83 13.96
CA SER A 177 -6.06 4.91 13.40
C SER A 177 -6.55 6.23 13.96
N LEU A 178 -5.65 6.95 14.66
CA LEU A 178 -5.98 8.21 15.32
C LEU A 178 -5.15 9.35 14.76
N PRO A 179 -5.73 10.54 14.65
CA PRO A 179 -4.95 11.71 14.13
C PRO A 179 -4.01 12.29 15.18
N LEU A 180 -2.98 11.52 15.56
CA LEU A 180 -2.00 11.96 16.56
C LEU A 180 -0.58 12.03 15.99
N GLY A 181 -0.46 12.29 14.69
CA GLY A 181 0.85 12.36 14.07
C GLY A 181 1.74 13.47 14.63
N ALA A 182 3.03 13.26 14.47
CA ALA A 182 4.03 14.14 15.09
C ALA A 182 4.00 15.56 14.50
N ILE A 183 3.80 15.67 13.19
CA ILE A 183 3.62 16.99 12.57
C ILE A 183 2.34 17.64 13.06
N ARG A 184 1.24 16.89 12.96
CA ARG A 184 -0.06 17.40 13.35
C ARG A 184 -0.09 17.84 14.81
N MET A 185 0.60 17.10 15.69
CA MET A 185 0.60 17.47 17.11
C MET A 185 1.54 18.66 17.36
N THR A 186 2.66 18.70 16.66
CA THR A 186 3.54 19.86 16.79
C THR A 186 2.84 21.15 16.37
N ARG A 187 2.07 21.11 15.26
CA ARG A 187 1.33 22.29 14.81
C ARG A 187 0.18 22.64 15.74
N ALA A 188 -0.45 21.64 16.34
CA ALA A 188 -1.67 21.88 17.12
C ALA A 188 -1.36 22.45 18.49
N PHE A 189 -0.12 22.33 18.97
CA PHE A 189 0.28 22.89 20.25
C PHE A 189 1.55 23.69 20.00
N PRO A 190 1.41 24.88 19.42
CA PRO A 190 2.56 25.72 19.13
C PRO A 190 3.33 25.96 20.41
N GLU A 191 4.66 25.84 20.34
CA GLU A 191 5.47 25.92 21.53
C GLU A 191 5.80 27.38 21.84
N GLY A 192 5.67 27.76 23.10
CA GLY A 192 5.98 29.11 23.53
C GLY A 192 7.48 29.31 23.72
N ASP A 193 7.82 30.51 24.20
CA ASP A 193 9.22 30.88 24.43
C ASP A 193 9.60 30.89 25.91
N GLY A 194 8.71 30.44 26.79
CA GLY A 194 8.98 30.41 28.21
C GLY A 194 9.87 29.25 28.63
N LYS A 195 10.06 29.14 29.95
CA LYS A 195 10.98 28.16 30.52
C LYS A 195 10.40 26.76 30.49
N ASN A 196 9.11 26.63 30.81
CA ASN A 196 8.42 25.35 30.81
C ASN A 196 7.69 25.12 29.51
N ALA A 197 8.08 25.79 28.44
CA ALA A 197 7.33 25.73 27.19
C ALA A 197 7.32 24.31 26.64
N GLY A 198 8.44 23.61 26.75
CA GLY A 198 8.50 22.24 26.28
C GLY A 198 7.58 21.34 27.08
N ARG A 199 7.65 21.44 28.40
CA ARG A 199 6.82 20.61 29.27
C ARG A 199 5.34 20.88 29.03
N ASP A 200 4.99 22.14 28.75
CA ASP A 200 3.58 22.46 28.53
C ASP A 200 3.09 21.84 27.23
N VAL A 201 3.92 21.90 26.19
CA VAL A 201 3.55 21.25 24.93
C VAL A 201 3.38 19.76 25.16
N ALA A 202 4.24 19.16 25.96
CA ALA A 202 4.19 17.71 26.13
C ALA A 202 2.96 17.30 26.92
N ASP A 203 2.62 18.07 27.95
CA ASP A 203 1.41 17.82 28.72
C ASP A 203 0.18 17.93 27.85
N ALA A 204 0.11 18.96 27.02
CA ALA A 204 -1.10 19.16 26.24
C ALA A 204 -1.23 18.08 25.18
N VAL A 205 -0.11 17.74 24.53
CA VAL A 205 -0.11 16.61 23.60
C VAL A 205 -0.54 15.35 24.32
N ALA A 206 -0.07 15.12 25.54
CA ALA A 206 -0.45 13.92 26.27
C ALA A 206 -1.94 13.88 26.54
N ARG A 207 -2.58 15.06 26.75
CA ARG A 207 -4.03 15.13 26.97
C ARG A 207 -4.79 14.89 25.68
N GLN A 208 -4.28 15.37 24.55
CA GLN A 208 -4.91 15.04 23.29
C GLN A 208 -4.84 13.54 23.05
N VAL A 209 -3.72 12.91 23.42
CA VAL A 209 -3.57 11.49 23.18
C VAL A 209 -4.62 10.71 23.96
N ARG A 210 -4.71 10.92 25.28
CA ARG A 210 -5.70 10.26 26.11
C ARG A 210 -7.11 10.53 25.63
N GLU A 211 -7.39 11.77 25.23
CA GLU A 211 -8.73 12.14 24.77
C GLU A 211 -9.20 11.24 23.65
N LEU A 212 -8.41 11.13 22.58
CA LEU A 212 -8.78 10.34 21.43
C LEU A 212 -8.62 8.84 21.64
N LEU A 213 -7.78 8.41 22.59
CA LEU A 213 -7.51 6.99 22.80
C LEU A 213 -8.42 6.35 23.84
N ARG A 214 -8.89 7.11 24.83
CA ARG A 214 -9.65 6.54 25.94
C ARG A 214 -10.82 5.67 25.50
N PRO A 215 -11.61 6.04 24.48
CA PRO A 215 -12.76 5.19 24.14
C PRO A 215 -12.39 3.79 23.65
N HIS A 216 -11.19 3.62 23.08
CA HIS A 216 -10.83 2.31 22.47
C HIS A 216 -9.55 1.72 23.06
N ALA A 217 -9.07 2.27 24.17
CA ALA A 217 -7.80 1.81 24.75
C ALA A 217 -7.88 0.36 25.18
N GLY A 218 -9.04 -0.07 25.67
CA GLY A 218 -9.19 -1.44 26.12
C GLY A 218 -8.74 -2.44 25.08
N ARG A 219 -9.04 -2.19 23.81
CA ARG A 219 -8.69 -3.16 22.76
C ARG A 219 -7.19 -3.34 22.63
N PHE A 220 -6.40 -2.36 23.07
CA PHE A 220 -4.96 -2.41 22.88
C PHE A 220 -4.20 -2.42 24.20
N ALA A 221 -4.87 -2.61 25.33
CA ALA A 221 -4.23 -2.58 26.63
C ALA A 221 -3.41 -3.86 26.88
N ALA A 222 -2.35 -3.71 27.66
CA ALA A 222 -1.50 -4.82 28.09
C ALA A 222 -2.27 -5.81 28.95
N ARG A 223 -2.10 -7.07 28.64
CA ARG A 223 -2.42 -8.22 29.48
C ARG A 223 -1.12 -8.97 29.72
N PRO A 224 -1.12 -9.92 30.64
CA PRO A 224 0.11 -10.71 30.85
C PRO A 224 0.57 -11.36 29.57
N GLY A 225 1.85 -11.16 29.23
CA GLY A 225 2.46 -11.69 28.03
C GLY A 225 2.33 -10.82 26.79
N THR A 226 1.70 -9.64 26.87
CA THR A 226 1.55 -8.82 25.67
C THR A 226 2.89 -8.21 25.32
N GLN A 227 3.26 -8.27 24.05
CA GLN A 227 4.48 -7.67 23.55
C GLN A 227 4.12 -6.43 22.74
N PHE A 228 4.78 -5.33 23.06
CA PHE A 228 4.56 -4.05 22.41
C PHE A 228 5.69 -3.82 21.40
N PHE A 229 5.32 -3.30 20.25
CA PHE A 229 6.27 -3.01 19.18
C PHE A 229 6.04 -1.57 18.73
N LEU A 230 7.10 -0.94 18.25
CA LEU A 230 7.02 0.40 17.67
C LEU A 230 7.74 0.38 16.33
N SER A 231 7.16 1.10 15.36
CA SER A 231 7.79 1.28 14.05
C SER A 231 7.81 2.77 13.67
N SER A 232 8.41 2.99 12.51
CA SER A 232 8.61 4.30 11.89
C SER A 232 9.61 5.19 12.64
N GLY A 233 9.84 6.38 12.08
CA GLY A 233 11.11 7.05 12.28
C GLY A 233 11.26 7.69 13.65
N THR A 234 10.15 8.14 14.23
CA THR A 234 10.22 8.64 15.61
C THR A 234 10.71 7.56 16.55
N ALA A 235 10.03 6.43 16.57
CA ALA A 235 10.44 5.31 17.42
C ALA A 235 11.88 4.88 17.12
N GLU A 236 12.27 4.91 15.85
CA GLU A 236 13.64 4.52 15.57
C GLU A 236 14.62 5.54 16.13
N ALA A 237 14.32 6.83 15.97
CA ALA A 237 15.19 7.85 16.54
C ALA A 237 15.20 7.75 18.08
N ALA A 238 14.07 7.40 18.70
CA ALA A 238 14.04 7.30 20.15
C ALA A 238 14.89 6.14 20.65
N ALA A 239 14.83 5.00 19.99
CA ALA A 239 15.62 3.84 20.40
C ALA A 239 17.11 4.14 20.30
N ASP A 240 17.52 4.76 19.20
CA ASP A 240 18.89 5.18 19.06
C ASP A 240 19.30 6.11 20.20
N ALA A 241 18.49 7.14 20.46
CA ALA A 241 18.88 8.15 21.45
C ALA A 241 19.01 7.54 22.84
N ILE A 242 18.09 6.63 23.18
CA ILE A 242 18.11 5.97 24.48
C ILE A 242 19.32 5.06 24.60
N ALA A 243 19.66 4.34 23.51
CA ALA A 243 20.86 3.50 23.50
C ALA A 243 22.11 4.31 23.75
N GLN A 244 22.20 5.49 23.13
CA GLN A 244 23.36 6.35 23.31
C GLN A 244 23.35 7.04 24.67
N ARG A 245 22.18 7.18 25.30
CA ARG A 245 22.11 7.66 26.67
C ARG A 245 22.64 6.62 27.65
N ARG A 246 22.50 5.35 27.29
CA ARG A 246 23.09 4.26 28.11
C ARG A 246 24.55 4.07 27.67
N GLY A 247 25.17 5.12 27.10
CA GLY A 247 26.59 5.06 26.70
C GLY A 247 26.83 4.33 25.39
N GLY A 248 25.81 4.23 24.52
CA GLY A 248 25.96 3.48 23.26
C GLY A 248 26.50 4.35 22.14
N ARG A 249 26.76 3.74 20.97
CA ARG A 249 27.28 4.48 19.79
C ARG A 249 26.14 4.74 18.81
N PRO A 250 26.29 5.66 17.83
CA PRO A 250 25.25 5.87 16.82
C PRO A 250 24.82 4.55 16.19
N ALA A 251 23.53 4.46 15.84
CA ALA A 251 22.91 3.22 15.34
C ALA A 251 23.65 2.62 14.14
N GLU A 252 24.60 3.36 13.55
CA GLU A 252 25.58 2.80 12.62
C GLU A 252 26.20 1.51 13.16
N ALA A 253 26.71 1.59 14.39
CA ALA A 253 27.19 0.35 15.04
C ALA A 253 25.97 -0.49 15.38
N ALA A 254 26.04 -1.81 15.18
CA ALA A 254 24.89 -2.73 15.41
C ALA A 254 23.95 -2.67 14.20
N GLY A 255 24.33 -1.92 13.17
CA GLY A 255 23.53 -1.87 11.92
C GLY A 255 22.07 -1.53 12.15
N GLY A 256 21.78 -0.36 12.72
CA GLY A 256 20.41 0.07 12.89
C GLY A 256 19.89 -0.22 14.29
N VAL A 257 18.58 -0.09 14.43
CA VAL A 257 17.93 -0.29 15.73
C VAL A 257 16.96 -1.47 15.71
N ASN A 258 16.90 -2.22 14.61
CA ASN A 258 15.94 -3.31 14.52
C ASN A 258 16.11 -4.26 15.68
N GLY A 259 15.00 -4.57 16.34
CA GLY A 259 15.02 -5.44 17.49
C GLY A 259 15.45 -4.81 18.80
N GLU A 260 15.82 -3.53 18.80
CA GLU A 260 16.21 -2.89 20.04
C GLU A 260 15.00 -2.74 20.93
N ARG A 261 15.23 -2.85 22.23
CA ARG A 261 14.22 -2.74 23.25
C ARG A 261 14.53 -1.54 24.15
N PHE A 262 13.48 -0.96 24.71
CA PHE A 262 13.63 0.08 25.70
C PHE A 262 12.36 0.11 26.54
N THR A 263 12.42 0.82 27.66
CA THR A 263 11.36 0.79 28.65
C THR A 263 10.61 2.11 28.61
N LEU A 264 9.43 2.08 29.22
CA LEU A 264 8.63 3.30 29.31
C LEU A 264 9.37 4.37 30.09
N THR A 265 10.04 3.96 31.18
CA THR A 265 10.84 4.86 32.01
C THR A 265 11.94 5.55 31.20
N GLU A 266 12.72 4.79 30.44
CA GLU A 266 13.76 5.41 29.63
C GLU A 266 13.15 6.40 28.65
N LEU A 267 12.01 6.05 28.05
CA LEU A 267 11.33 6.99 27.16
C LEU A 267 10.95 8.27 27.89
N ALA A 268 10.39 8.14 29.09
CA ALA A 268 10.03 9.29 29.91
C ALA A 268 11.24 10.17 30.21
N ASP A 269 12.38 9.55 30.54
CA ASP A 269 13.56 10.37 30.82
C ASP A 269 14.03 11.09 29.58
N LEU A 270 14.02 10.40 28.44
CA LEU A 270 14.34 11.06 27.17
C LEU A 270 13.43 12.25 26.94
N LEU A 271 12.13 12.07 27.18
CA LEU A 271 11.15 13.13 26.96
C LEU A 271 11.37 14.29 27.92
N ALA A 272 11.62 13.99 29.19
CA ALA A 272 11.94 15.03 30.15
C ALA A 272 13.16 15.83 29.70
N HIS A 273 14.18 15.13 29.20
CA HIS A 273 15.38 15.83 28.72
C HIS A 273 15.02 16.72 27.54
N VAL A 274 14.28 16.16 26.58
CA VAL A 274 13.92 16.91 25.38
C VAL A 274 13.03 18.10 25.73
N ALA A 275 12.09 17.92 26.66
CA ALA A 275 11.18 19.00 26.98
C ALA A 275 11.91 20.16 27.66
N ARG A 276 12.96 19.87 28.44
CA ARG A 276 13.75 20.94 29.07
C ARG A 276 14.62 21.66 28.06
N LEU A 277 14.94 21.02 26.94
CA LEU A 277 15.78 21.68 25.96
C LEU A 277 14.96 22.60 25.06
N ARG A 278 15.66 23.53 24.44
CA ARG A 278 15.06 24.43 23.47
C ARG A 278 15.00 23.76 22.11
N PRO A 279 13.99 24.09 21.31
CA PRO A 279 13.80 23.38 20.04
C PRO A 279 15.09 23.18 19.23
N ALA A 280 15.95 24.20 19.19
CA ALA A 280 17.23 24.08 18.52
C ALA A 280 18.11 22.99 19.15
N GLN A 281 18.14 22.96 20.49
CA GLN A 281 19.04 22.05 21.19
C GLN A 281 18.63 20.60 21.01
N ARG A 282 17.34 20.33 20.74
CA ARG A 282 16.89 18.95 20.57
C ARG A 282 17.55 18.27 19.40
N ALA A 283 17.77 19.00 18.31
CA ALA A 283 18.51 18.47 17.18
C ALA A 283 19.98 18.19 17.48
N ARG A 284 20.50 18.58 18.64
CA ARG A 284 21.82 18.15 19.07
C ARG A 284 21.78 17.06 20.12
N VAL A 285 20.61 16.52 20.41
CA VAL A 285 20.53 15.31 21.24
C VAL A 285 20.93 14.11 20.39
N PRO A 286 21.89 13.28 20.83
CA PRO A 286 22.31 12.13 20.01
C PRO A 286 21.17 11.19 19.66
N GLY A 287 20.96 10.96 18.35
CA GLY A 287 19.85 10.16 17.85
C GLY A 287 18.71 10.98 17.28
N LEU A 288 18.55 12.22 17.73
CA LEU A 288 17.42 13.06 17.31
C LEU A 288 17.83 14.08 16.26
N GLU A 289 19.01 13.92 15.67
CA GLU A 289 19.64 15.00 14.92
C GLU A 289 18.79 15.45 13.75
N ARG A 290 17.91 14.58 13.27
CA ARG A 290 17.12 14.83 12.07
C ARG A 290 15.65 15.09 12.37
N ARG A 291 15.27 15.24 13.65
CA ARG A 291 13.87 15.32 14.02
C ARG A 291 13.61 16.39 15.07
N GLY A 292 14.52 17.36 15.22
CA GLY A 292 14.40 18.35 16.29
C GLY A 292 13.08 19.10 16.34
N ASP A 293 12.44 19.30 15.18
CA ASP A 293 11.27 20.17 15.13
C ASP A 293 10.00 19.47 15.63
N THR A 294 9.88 18.17 15.43
CA THR A 294 8.71 17.42 15.85
C THR A 294 8.95 16.51 17.04
N ILE A 295 10.19 16.37 17.50
CA ILE A 295 10.52 15.21 18.33
C ILE A 295 9.89 15.31 19.70
N LEU A 296 9.71 16.53 20.20
CA LEU A 296 9.06 16.73 21.50
C LEU A 296 7.63 16.21 21.49
N ALA A 297 6.81 16.75 20.59
CA ALA A 297 5.45 16.27 20.40
C ALA A 297 5.42 14.77 20.11
N ALA A 298 6.30 14.30 19.22
CA ALA A 298 6.26 12.87 18.88
C ALA A 298 6.53 12.00 20.11
N LEU A 299 7.53 12.34 20.91
CA LEU A 299 7.83 11.54 22.10
C LEU A 299 6.71 11.62 23.13
N SER A 300 6.01 12.76 23.23
CA SER A 300 4.88 12.81 24.15
C SER A 300 3.76 11.89 23.70
N VAL A 301 3.57 11.77 22.38
CA VAL A 301 2.57 10.87 21.84
C VAL A 301 2.90 9.44 22.21
N LEU A 302 4.15 9.00 21.93
CA LEU A 302 4.54 7.62 22.24
C LEU A 302 4.39 7.32 23.72
N HIS A 303 4.90 8.22 24.56
CA HIS A 303 4.86 7.96 26.00
C HIS A 303 3.43 7.92 26.49
N ALA A 304 2.63 8.91 26.09
CA ALA A 304 1.28 9.01 26.60
C ALA A 304 0.42 7.86 26.11
N ALA A 305 0.59 7.44 24.86
CA ALA A 305 -0.20 6.31 24.36
C ALA A 305 0.23 5.00 25.03
N LEU A 306 1.54 4.74 25.10
CA LEU A 306 1.99 3.51 25.73
C LEU A 306 1.57 3.47 27.20
N ASP A 307 1.79 4.57 27.92
CA ASP A 307 1.34 4.65 29.32
C ASP A 307 -0.15 4.35 29.45
N ALA A 308 -0.97 4.88 28.56
CA ALA A 308 -2.39 4.54 28.63
C ALA A 308 -2.66 3.07 28.39
N LEU A 309 -1.80 2.37 27.66
CA LEU A 309 -2.05 0.96 27.37
C LEU A 309 -1.45 0.01 28.39
N GLY A 310 -0.79 0.55 29.41
CA GLY A 310 -0.08 -0.26 30.37
C GLY A 310 1.22 -0.86 29.93
N ALA A 311 1.83 -0.37 28.85
CA ALA A 311 3.07 -0.98 28.36
C ALA A 311 4.23 -0.57 29.25
N ARG A 312 5.15 -1.50 29.50
CA ARG A 312 6.38 -1.22 30.25
C ARG A 312 7.63 -1.28 29.40
N GLU A 313 7.64 -2.13 28.37
CA GLU A 313 8.78 -2.28 27.48
C GLU A 313 8.29 -2.42 26.05
N VAL A 314 9.07 -1.92 25.11
CA VAL A 314 8.78 -2.08 23.69
C VAL A 314 9.98 -2.66 22.96
N THR A 315 9.71 -3.18 21.78
CA THR A 315 10.71 -3.57 20.79
C THR A 315 10.47 -2.74 19.53
N VAL A 316 11.54 -2.16 18.99
CA VAL A 316 11.42 -1.32 17.81
C VAL A 316 11.67 -2.17 16.56
N SER A 317 10.94 -1.85 15.49
CA SER A 317 10.97 -2.60 14.23
C SER A 317 11.34 -1.69 13.07
N GLU A 318 12.38 -2.05 12.31
CA GLU A 318 12.71 -1.33 11.10
C GLU A 318 11.82 -1.72 9.93
N GLY A 319 11.18 -2.88 9.98
CA GLY A 319 10.15 -3.18 9.00
C GLY A 319 8.88 -2.39 9.27
N ALA A 320 8.16 -2.10 8.19
CA ALA A 320 6.94 -1.30 8.22
C ALA A 320 6.17 -1.46 6.92
N LEU A 321 5.52 -0.38 6.46
CA LEU A 321 4.48 -0.47 5.43
C LEU A 321 4.99 -1.06 4.12
N ARG A 322 6.19 -0.69 3.69
CA ARG A 322 6.67 -1.17 2.40
C ARG A 322 6.91 -2.67 2.42
N GLU A 323 7.43 -3.21 3.53
CA GLU A 323 7.63 -4.66 3.64
C GLU A 323 6.30 -5.40 3.65
N GLY A 324 5.28 -4.81 4.28
CA GLY A 324 3.95 -5.43 4.29
C GLY A 324 3.29 -5.35 2.93
N MET A 325 3.55 -4.28 2.17
CA MET A 325 3.11 -4.22 0.78
C MET A 325 3.71 -5.36 -0.04
N LEU A 326 5.00 -5.61 0.10
CA LEU A 326 5.59 -6.68 -0.69
C LEU A 326 4.97 -8.01 -0.33
N ILE A 327 4.79 -8.27 0.97
CA ILE A 327 4.28 -9.56 1.43
C ILE A 327 2.87 -9.81 0.90
N GLU A 328 1.99 -8.81 1.01
CA GLU A 328 0.63 -8.94 0.50
C GLU A 328 0.62 -9.19 -1.00
N GLU A 329 1.52 -8.53 -1.73
CA GLU A 329 1.56 -8.71 -3.18
C GLU A 329 1.95 -10.13 -3.54
N LEU A 330 3.06 -10.61 -2.96
CA LEU A 330 3.50 -11.98 -3.21
C LEU A 330 2.46 -12.98 -2.75
N ALA A 331 1.77 -12.69 -1.64
CA ALA A 331 0.73 -13.58 -1.16
C ALA A 331 -0.41 -13.70 -2.17
N GLN A 332 -0.81 -12.59 -2.79
CA GLN A 332 -1.91 -12.66 -3.75
C GLN A 332 -1.46 -13.36 -5.01
N VAL A 333 -0.21 -13.13 -5.43
CA VAL A 333 0.33 -13.75 -6.62
C VAL A 333 0.31 -15.27 -6.48
N GLN A 334 0.88 -15.77 -5.39
CA GLN A 334 1.12 -17.20 -5.25
C GLN A 334 -0.16 -17.92 -4.90
N THR A 335 -1.06 -17.25 -4.18
CA THR A 335 -2.39 -17.82 -3.94
C THR A 335 -3.12 -18.07 -5.26
N PHE A 336 -3.08 -17.08 -6.15
CA PHE A 336 -3.65 -17.26 -7.47
C PHE A 336 -2.93 -18.37 -8.21
N SER A 337 -1.60 -18.36 -8.17
CA SER A 337 -0.82 -19.36 -8.90
C SER A 337 -1.15 -20.77 -8.44
N LEU A 338 -1.27 -20.98 -7.13
CA LEU A 338 -1.52 -22.32 -6.60
C LEU A 338 -2.91 -22.81 -6.97
N ALA A 339 -3.89 -21.91 -6.93
CA ALA A 339 -5.24 -22.28 -7.34
C ALA A 339 -5.36 -22.57 -8.84
N LEU A 340 -4.38 -22.18 -9.65
CA LEU A 340 -4.53 -22.35 -11.10
C LEU A 340 -4.29 -23.81 -11.49
N SER A 341 -4.77 -24.16 -12.68
CA SER A 341 -4.52 -25.48 -13.23
C SER A 341 -3.10 -25.57 -13.77
N THR A 342 -2.71 -26.78 -14.16
CA THR A 342 -1.40 -26.97 -14.76
C THR A 342 -1.25 -26.14 -16.02
N ARG A 343 -2.28 -26.18 -16.88
CA ARG A 343 -2.25 -25.44 -18.13
C ARG A 343 -2.21 -23.93 -17.86
N GLN A 344 -3.03 -23.44 -16.92
CA GLN A 344 -3.03 -22.00 -16.66
C GLN A 344 -1.73 -21.55 -16.01
N ARG A 345 -1.16 -22.38 -15.13
CA ARG A 345 0.12 -22.02 -14.51
C ARG A 345 1.20 -21.89 -15.57
N SER A 346 1.15 -22.74 -16.60
CA SER A 346 2.08 -22.62 -17.72
C SER A 346 1.91 -21.30 -18.44
N VAL A 347 0.68 -20.79 -18.51
CA VAL A 347 0.42 -19.50 -19.14
C VAL A 347 1.05 -18.39 -18.31
N LEU A 348 0.91 -18.49 -16.99
CA LEU A 348 1.46 -17.48 -16.09
C LEU A 348 2.98 -17.45 -16.18
N ALA A 349 3.61 -18.63 -16.18
CA ALA A 349 5.06 -18.73 -16.39
C ALA A 349 5.47 -18.10 -17.71
N THR A 350 4.74 -18.41 -18.79
CA THR A 350 5.05 -17.81 -20.10
C THR A 350 4.94 -16.30 -20.04
N ALA A 351 3.91 -15.79 -19.36
CA ALA A 351 3.72 -14.36 -19.23
C ALA A 351 4.90 -13.73 -18.51
N GLY A 352 5.34 -14.36 -17.43
CA GLY A 352 6.51 -13.88 -16.72
C GLY A 352 7.74 -13.81 -17.61
N ARG A 353 7.96 -14.86 -18.42
CA ARG A 353 9.10 -14.87 -19.33
C ARG A 353 9.08 -13.64 -20.25
N PHE A 354 7.92 -13.31 -20.81
CA PHE A 354 7.79 -12.09 -21.58
C PHE A 354 8.03 -10.84 -20.74
N GLY A 355 7.82 -10.93 -19.43
CA GLY A 355 8.12 -9.84 -18.53
C GLY A 355 6.93 -9.02 -18.11
N VAL A 356 5.78 -9.66 -17.93
CA VAL A 356 4.59 -8.93 -17.51
C VAL A 356 4.56 -8.88 -15.99
N ASN A 357 3.75 -7.97 -15.48
CA ASN A 357 3.55 -7.84 -14.05
C ASN A 357 2.59 -8.94 -13.61
N LEU A 358 3.13 -9.96 -12.94
CA LEU A 358 2.30 -11.09 -12.55
C LEU A 358 1.27 -10.70 -11.51
N SER A 359 1.60 -9.72 -10.67
CA SER A 359 0.65 -9.22 -9.69
C SER A 359 -0.53 -8.56 -10.37
N HIS A 360 -0.26 -7.76 -11.40
CA HIS A 360 -1.32 -7.16 -12.19
C HIS A 360 -2.05 -8.23 -13.01
N ALA A 361 -1.31 -9.18 -13.58
CA ALA A 361 -1.93 -10.26 -14.33
C ALA A 361 -2.90 -11.05 -13.44
N GLY A 362 -2.43 -11.45 -12.26
CA GLY A 362 -3.28 -12.23 -11.39
C GLY A 362 -4.53 -11.50 -10.93
N GLN A 363 -4.40 -10.20 -10.64
CA GLN A 363 -5.56 -9.40 -10.21
C GLN A 363 -6.57 -9.26 -11.34
N VAL A 364 -6.09 -9.02 -12.57
CA VAL A 364 -6.99 -8.87 -13.70
C VAL A 364 -7.67 -10.21 -14.03
N ALA A 365 -6.93 -11.31 -13.92
CA ALA A 365 -7.56 -12.62 -14.08
C ALA A 365 -8.59 -12.88 -13.00
N GLU A 366 -8.32 -12.50 -11.75
CA GLU A 366 -9.27 -12.77 -10.67
C GLU A 366 -10.52 -11.93 -10.84
N LEU A 367 -10.35 -10.64 -11.14
CA LEU A 367 -11.50 -9.80 -11.43
C LEU A 367 -12.27 -10.33 -12.65
N SER A 368 -11.54 -10.72 -13.71
CA SER A 368 -12.23 -11.26 -14.90
C SER A 368 -13.06 -12.48 -14.53
N ARG A 369 -12.46 -13.42 -13.80
CA ARG A 369 -13.20 -14.59 -13.33
C ARG A 369 -14.40 -14.19 -12.48
N GLU A 370 -14.24 -13.19 -11.62
CA GLU A 370 -15.36 -12.81 -10.76
C GLU A 370 -16.51 -12.25 -11.59
N LEU A 371 -16.21 -11.36 -12.54
CA LEU A 371 -17.26 -10.82 -13.39
C LEU A 371 -17.89 -11.91 -14.23
N PHE A 372 -17.07 -12.82 -14.76
CA PHE A 372 -17.60 -13.89 -15.59
C PHE A 372 -18.60 -14.73 -14.81
N ASP A 373 -18.27 -15.06 -13.56
CA ASP A 373 -19.12 -15.95 -12.77
C ASP A 373 -20.43 -15.26 -12.40
N ARG A 374 -20.39 -13.98 -12.05
CA ARG A 374 -21.63 -13.25 -11.79
C ARG A 374 -22.52 -13.24 -13.02
N LEU A 375 -21.94 -13.00 -14.19
CA LEU A 375 -22.72 -12.99 -15.43
C LEU A 375 -23.39 -14.35 -15.67
N LEU A 376 -22.66 -15.45 -15.45
CA LEU A 376 -23.26 -16.77 -15.58
C LEU A 376 -24.43 -16.95 -14.63
N ALA A 377 -24.23 -16.60 -13.36
CA ALA A 377 -25.31 -16.68 -12.39
C ALA A 377 -26.50 -15.81 -12.78
N ALA A 378 -26.30 -14.81 -13.61
CA ALA A 378 -27.39 -13.94 -14.03
C ALA A 378 -27.99 -14.32 -15.38
N GLY A 379 -27.62 -15.44 -15.95
CA GLY A 379 -28.26 -15.94 -17.14
C GLY A 379 -27.56 -15.67 -18.46
N GLU A 380 -26.35 -15.12 -18.44
CA GLU A 380 -25.59 -14.92 -19.66
C GLU A 380 -24.97 -16.23 -20.10
N THR A 381 -25.20 -16.62 -21.34
CA THR A 381 -24.69 -17.89 -21.84
C THR A 381 -23.26 -17.72 -22.34
N PHE A 382 -22.44 -18.73 -22.08
CA PHE A 382 -21.05 -18.74 -22.49
C PHE A 382 -20.66 -20.15 -22.87
N PRO A 383 -19.80 -20.36 -23.84
CA PRO A 383 -19.34 -21.67 -24.21
C PRO A 383 -18.36 -22.21 -23.18
N PRO A 384 -18.13 -23.51 -23.11
CA PRO A 384 -17.37 -24.12 -22.01
C PRO A 384 -15.96 -23.55 -21.87
N PRO A 385 -15.18 -23.43 -22.95
CA PRO A 385 -13.82 -22.87 -22.77
C PRO A 385 -13.77 -21.37 -22.49
N ALA A 386 -14.90 -20.69 -22.25
CA ALA A 386 -14.86 -19.24 -22.13
C ALA A 386 -14.07 -18.80 -20.91
N ARG A 387 -14.36 -19.39 -19.75
CA ARG A 387 -13.61 -19.06 -18.53
C ARG A 387 -12.12 -19.27 -18.74
N SER A 388 -11.76 -20.38 -19.39
CA SER A 388 -10.35 -20.69 -19.61
C SER A 388 -9.68 -19.72 -20.58
N LEU A 389 -10.40 -19.28 -21.62
CA LEU A 389 -9.83 -18.33 -22.57
C LEU A 389 -9.66 -16.96 -21.94
N LEU A 390 -10.63 -16.55 -21.11
CA LEU A 390 -10.56 -15.25 -20.48
C LEU A 390 -9.41 -15.18 -19.48
N THR A 391 -9.27 -16.25 -18.68
CA THR A 391 -8.20 -16.32 -17.70
C THR A 391 -6.84 -16.18 -18.37
N ALA A 392 -6.65 -16.90 -19.48
CA ALA A 392 -5.36 -16.91 -20.15
C ALA A 392 -5.10 -15.58 -20.85
N ALA A 393 -6.12 -15.00 -21.49
CA ALA A 393 -5.94 -13.68 -22.08
C ALA A 393 -5.69 -12.63 -21.01
N ALA A 394 -6.33 -12.75 -19.85
CA ALA A 394 -6.08 -11.80 -18.76
C ALA A 394 -4.61 -11.84 -18.33
N VAL A 395 -4.04 -13.03 -18.21
CA VAL A 395 -2.64 -13.14 -17.82
C VAL A 395 -1.74 -12.52 -18.87
N LEU A 396 -2.06 -12.72 -20.14
CA LEU A 396 -1.20 -12.30 -21.24
C LEU A 396 -1.56 -10.94 -21.80
N HIS A 397 -2.46 -10.20 -21.16
CA HIS A 397 -3.01 -9.01 -21.83
C HIS A 397 -1.99 -7.89 -21.99
N GLU A 398 -0.86 -7.96 -21.30
CA GLU A 398 0.14 -6.91 -21.38
C GLU A 398 1.48 -7.42 -21.89
N ALA A 399 1.42 -8.30 -22.90
CA ALA A 399 2.66 -8.80 -23.52
C ALA A 399 2.88 -8.10 -24.86
N GLY A 400 3.92 -7.26 -24.97
CA GLY A 400 4.19 -6.52 -26.22
C GLY A 400 5.16 -7.29 -27.10
N ARG A 422 0.40 -23.81 -24.76
CA ARG A 422 0.75 -25.12 -24.21
C ARG A 422 -0.42 -25.73 -23.45
N GLY A 423 -0.96 -26.81 -23.99
CA GLY A 423 -2.20 -27.39 -23.51
C GLY A 423 -3.46 -26.73 -24.03
N PHE A 424 -3.32 -25.76 -24.91
CA PHE A 424 -4.45 -25.12 -25.59
C PHE A 424 -4.44 -25.47 -27.07
N GLY A 425 -5.62 -25.70 -27.62
CA GLY A 425 -5.76 -25.94 -29.04
C GLY A 425 -5.53 -24.68 -29.86
N PRO A 426 -5.09 -24.84 -31.12
CA PRO A 426 -4.74 -23.66 -31.93
C PRO A 426 -5.86 -22.66 -32.11
N GLN A 427 -7.11 -23.14 -32.05
CA GLN A 427 -8.24 -22.22 -32.05
C GLN A 427 -8.31 -21.44 -30.75
N ASP A 428 -8.13 -22.15 -29.64
CA ASP A 428 -8.11 -21.49 -28.33
C ASP A 428 -7.03 -20.41 -28.29
N ILE A 429 -5.85 -20.70 -28.83
CA ILE A 429 -4.73 -19.71 -28.77
C ILE A 429 -5.13 -18.48 -29.57
N GLU A 430 -5.77 -18.67 -30.73
CA GLU A 430 -6.18 -17.54 -31.57
C GLU A 430 -7.25 -16.71 -30.89
N LEU A 431 -8.21 -17.37 -30.24
CA LEU A 431 -9.19 -16.64 -29.46
C LEU A 431 -8.50 -15.84 -28.35
N ILE A 432 -7.65 -16.51 -27.56
CA ILE A 432 -6.90 -15.85 -26.50
C ILE A 432 -6.17 -14.63 -27.04
N ALA A 433 -5.49 -14.79 -28.18
CA ALA A 433 -4.74 -13.68 -28.76
C ALA A 433 -5.64 -12.50 -29.06
N GLN A 434 -6.83 -12.76 -29.61
CA GLN A 434 -7.68 -11.64 -30.00
C GLN A 434 -8.31 -11.00 -28.78
N ILE A 435 -8.74 -11.80 -27.81
CA ILE A 435 -9.20 -11.25 -26.55
C ILE A 435 -8.11 -10.37 -25.95
N ALA A 436 -6.89 -10.88 -25.89
CA ALA A 436 -5.78 -10.17 -25.23
C ALA A 436 -5.43 -8.87 -25.94
N ARG A 437 -5.60 -8.81 -27.25
CA ARG A 437 -5.24 -7.62 -28.04
C ARG A 437 -6.46 -7.13 -28.81
N TYR A 438 -7.50 -6.68 -28.09
CA TYR A 438 -8.73 -6.20 -28.69
C TYR A 438 -8.72 -4.68 -28.79
N HIS A 439 -9.17 -4.17 -29.94
CA HIS A 439 -9.31 -2.70 -30.15
C HIS A 439 -10.47 -2.52 -31.13
N ARG A 440 -11.25 -1.45 -31.00
CA ARG A 440 -12.42 -1.24 -31.89
C ARG A 440 -11.94 -1.17 -33.34
N LYS A 441 -10.80 -0.52 -33.56
CA LYS A 441 -10.25 -0.40 -34.94
C LYS A 441 -9.38 -1.63 -35.25
N SER A 442 -9.88 -2.52 -36.11
CA SER A 442 -9.10 -3.74 -36.48
C SER A 442 -7.65 -3.37 -36.74
N LYS A 445 -7.53 -4.14 -40.39
CA LYS A 445 -8.33 -3.83 -41.61
C LYS A 445 -8.73 -5.13 -42.31
N PRO A 446 -10.04 -5.42 -42.44
CA PRO A 446 -10.51 -6.67 -43.03
C PRO A 446 -9.81 -7.06 -44.34
N SER A 447 -9.55 -6.10 -45.23
CA SER A 447 -8.97 -6.46 -46.52
C SER A 447 -7.46 -6.64 -46.46
N HIS A 448 -6.82 -6.15 -45.41
CA HIS A 448 -5.37 -6.21 -45.34
C HIS A 448 -4.93 -7.66 -45.21
N PRO A 449 -3.91 -8.09 -45.96
CA PRO A 449 -3.46 -9.47 -45.84
C PRO A 449 -3.08 -9.82 -44.41
N ASP A 450 -3.25 -11.09 -44.08
CA ASP A 450 -3.05 -11.73 -42.81
C ASP A 450 -4.11 -11.33 -41.79
N TYR A 451 -5.15 -10.60 -42.21
CA TYR A 451 -6.24 -10.33 -41.29
C TYR A 451 -6.90 -11.62 -40.86
N VAL A 452 -7.06 -11.77 -39.57
CA VAL A 452 -7.66 -12.96 -38.97
C VAL A 452 -9.13 -12.68 -38.71
N ALA A 453 -9.99 -13.36 -39.48
CA ALA A 453 -11.44 -13.27 -39.40
C ALA A 453 -11.96 -14.57 -38.77
N LEU A 454 -12.29 -14.52 -37.49
CA LEU A 454 -12.84 -15.69 -36.80
C LEU A 454 -14.28 -15.92 -37.21
N ALA A 455 -14.74 -17.15 -36.99
CA ALA A 455 -16.13 -17.47 -37.24
C ALA A 455 -17.04 -16.56 -36.41
N PRO A 456 -18.24 -16.29 -36.89
CA PRO A 456 -19.14 -15.36 -36.17
C PRO A 456 -19.29 -15.65 -34.68
N ALA A 457 -19.40 -16.93 -34.31
CA ALA A 457 -19.55 -17.29 -32.90
C ALA A 457 -18.29 -16.93 -32.11
N ASP A 458 -17.11 -17.11 -32.71
CA ASP A 458 -15.87 -16.78 -32.03
C ASP A 458 -15.66 -15.26 -32.01
N ARG A 459 -16.06 -14.57 -33.09
CA ARG A 459 -16.09 -13.11 -33.07
C ARG A 459 -16.92 -12.59 -31.90
N ALA A 460 -18.11 -13.15 -31.71
CA ALA A 460 -18.98 -12.70 -30.63
C ALA A 460 -18.37 -13.02 -29.27
N LEU A 461 -17.75 -14.21 -29.14
CA LEU A 461 -17.15 -14.62 -27.88
C LEU A 461 -15.99 -13.71 -27.49
N VAL A 462 -15.07 -13.47 -28.43
CA VAL A 462 -13.94 -12.57 -28.19
C VAL A 462 -14.42 -11.22 -27.69
N ALA A 463 -15.49 -10.70 -28.30
CA ALA A 463 -15.98 -9.36 -27.95
C ALA A 463 -16.54 -9.34 -26.53
N ARG A 464 -17.24 -10.40 -26.13
CA ARG A 464 -17.81 -10.44 -24.79
C ARG A 464 -16.72 -10.65 -23.74
N LEU A 465 -15.74 -11.50 -24.03
CA LEU A 465 -14.68 -11.75 -23.06
C LEU A 465 -13.72 -10.57 -22.97
N ALA A 466 -13.49 -9.87 -24.08
CA ALA A 466 -12.67 -8.67 -24.07
C ALA A 466 -13.37 -7.54 -23.33
N GLY A 467 -14.69 -7.54 -23.33
CA GLY A 467 -15.44 -6.57 -22.54
C GLY A 467 -15.29 -6.81 -21.06
N ILE A 468 -15.28 -8.07 -20.65
CA ILE A 468 -14.98 -8.40 -19.26
C ILE A 468 -13.56 -8.02 -18.91
N LEU A 469 -12.61 -8.46 -19.73
CA LEU A 469 -11.20 -8.21 -19.47
C LEU A 469 -10.90 -6.72 -19.30
N ARG A 470 -11.50 -5.88 -20.15
CA ARG A 470 -11.22 -4.45 -20.10
C ARG A 470 -11.73 -3.82 -18.81
N VAL A 471 -12.92 -4.23 -18.38
CA VAL A 471 -13.46 -3.76 -17.10
C VAL A 471 -12.56 -4.20 -15.96
N ALA A 472 -12.11 -5.45 -15.98
CA ALA A 472 -11.16 -5.96 -14.97
C ALA A 472 -9.85 -5.20 -15.00
N ASP A 473 -9.40 -4.83 -16.20
CA ASP A 473 -8.15 -4.10 -16.31
C ASP A 473 -8.28 -2.70 -15.75
N GLY A 474 -9.39 -2.04 -16.01
CA GLY A 474 -9.62 -0.75 -15.40
C GLY A 474 -9.65 -0.84 -13.89
N LEU A 475 -10.22 -1.94 -13.35
CA LEU A 475 -10.37 -2.07 -11.91
C LEU A 475 -9.05 -2.24 -11.20
N ASP A 476 -7.98 -2.54 -11.93
CA ASP A 476 -6.63 -2.53 -11.42
C ASP A 476 -5.73 -1.58 -12.22
N ARG A 477 -6.30 -0.48 -12.73
CA ARG A 477 -5.52 0.48 -13.48
C ARG A 477 -4.42 1.09 -12.64
N ALA A 478 -4.68 1.31 -11.35
CA ALA A 478 -3.68 1.80 -10.40
C ALA A 478 -2.72 0.72 -9.90
N HIS A 479 -2.88 -0.53 -10.32
CA HIS A 479 -1.97 -1.63 -9.98
C HIS A 479 -1.88 -1.84 -8.46
N THR A 480 -2.99 -1.66 -7.76
CA THR A 480 -2.96 -1.79 -6.31
C THR A 480 -3.20 -3.22 -5.85
N GLY A 481 -3.86 -4.04 -6.66
CA GLY A 481 -4.28 -5.36 -6.23
C GLY A 481 -5.45 -5.38 -5.29
N LEU A 482 -6.10 -4.24 -5.06
CA LEU A 482 -7.06 -4.11 -3.97
C LEU A 482 -8.51 -4.21 -4.40
N ALA A 483 -8.82 -4.03 -5.68
CA ALA A 483 -10.21 -4.04 -6.13
C ALA A 483 -10.82 -5.43 -5.93
N ARG A 484 -12.12 -5.43 -5.64
CA ARG A 484 -12.90 -6.64 -5.39
C ARG A 484 -14.30 -6.36 -5.91
N VAL A 485 -14.90 -7.37 -6.53
CA VAL A 485 -16.27 -7.29 -7.02
C VAL A 485 -17.19 -7.74 -5.90
N ASP A 486 -18.10 -6.86 -5.48
CA ASP A 486 -19.04 -7.20 -4.42
C ASP A 486 -20.34 -7.75 -4.96
N ASP A 487 -20.82 -7.21 -6.08
CA ASP A 487 -22.09 -7.66 -6.62
C ASP A 487 -22.21 -7.17 -8.06
N LEU A 488 -22.95 -7.93 -8.86
CA LEU A 488 -23.19 -7.58 -10.25
C LEU A 488 -24.64 -7.97 -10.56
N ARG A 489 -25.49 -6.98 -10.76
CA ARG A 489 -26.93 -7.19 -10.94
C ARG A 489 -27.35 -6.58 -12.27
N ARG A 490 -28.39 -7.15 -12.86
CA ARG A 490 -29.01 -6.57 -14.05
C ARG A 490 -29.81 -5.33 -13.65
N GLN A 491 -29.54 -4.21 -14.31
CA GLN A 491 -30.26 -2.97 -14.08
C GLN A 491 -31.04 -2.67 -15.36
N GLY A 492 -32.25 -3.25 -15.43
CA GLY A 492 -33.05 -3.14 -16.63
C GLY A 492 -32.41 -3.90 -17.76
N GLN A 493 -32.21 -3.24 -18.90
CA GLN A 493 -31.49 -3.84 -20.02
C GLN A 493 -29.98 -3.75 -19.84
N GLY A 494 -29.53 -3.19 -18.72
CA GLY A 494 -28.11 -3.10 -18.41
C GLY A 494 -27.69 -3.83 -17.15
N TRP A 495 -26.69 -3.29 -16.46
CA TRP A 495 -26.09 -3.94 -15.31
C TRP A 495 -25.65 -2.90 -14.30
N GLN A 496 -25.54 -3.33 -13.05
CA GLN A 496 -25.07 -2.52 -11.94
C GLN A 496 -23.93 -3.29 -11.26
N LEU A 497 -22.76 -2.67 -11.18
CA LEU A 497 -21.55 -3.32 -10.67
C LEU A 497 -21.09 -2.60 -9.42
N ARG A 498 -21.06 -3.32 -8.30
CA ARG A 498 -20.62 -2.80 -6.99
C ARG A 498 -19.21 -3.29 -6.72
N VAL A 499 -18.30 -2.37 -6.47
CA VAL A 499 -16.88 -2.69 -6.34
C VAL A 499 -16.36 -2.08 -5.05
N SER A 500 -15.35 -2.73 -4.47
CA SER A 500 -14.65 -2.16 -3.32
C SER A 500 -13.16 -2.11 -3.65
N GLY A 501 -12.43 -1.33 -2.86
CA GLY A 501 -10.99 -1.25 -3.01
C GLY A 501 -10.52 -0.56 -4.27
N VAL A 502 -11.32 0.35 -4.79
CA VAL A 502 -11.01 1.05 -6.03
C VAL A 502 -10.54 2.47 -5.72
N THR A 503 -9.51 2.93 -6.48
CA THR A 503 -9.08 4.31 -6.45
C THR A 503 -9.84 5.11 -7.50
N PRO A 504 -9.82 6.45 -7.40
CA PRO A 504 -10.41 7.24 -8.49
C PRO A 504 -9.89 6.90 -9.86
N LEU A 505 -8.60 6.55 -9.96
CA LEU A 505 -8.07 6.16 -11.25
C LEU A 505 -8.69 4.86 -11.75
N ASP A 506 -9.03 3.95 -10.84
CA ASP A 506 -9.66 2.69 -11.25
C ASP A 506 -11.07 2.94 -11.77
N LEU A 507 -11.85 3.75 -11.06
CA LEU A 507 -13.21 4.00 -11.52
C LEU A 507 -13.20 4.73 -12.85
N ALA A 508 -12.29 5.69 -13.04
CA ALA A 508 -12.23 6.38 -14.32
C ALA A 508 -11.83 5.42 -15.42
N GLY A 509 -10.96 4.46 -15.11
CA GLY A 509 -10.58 3.48 -16.10
C GLY A 509 -11.74 2.61 -16.53
N VAL A 510 -12.62 2.27 -15.59
CA VAL A 510 -13.76 1.46 -15.98
C VAL A 510 -14.69 2.24 -16.89
N GLY A 511 -14.89 3.52 -16.62
CA GLY A 511 -15.69 4.34 -17.51
C GLY A 511 -15.09 4.49 -18.88
N GLU A 512 -13.78 4.44 -18.99
CA GLU A 512 -13.16 4.56 -20.31
C GLU A 512 -13.09 3.25 -21.06
N LYS A 513 -13.04 2.13 -20.37
CA LYS A 513 -12.87 0.82 -20.98
C LYS A 513 -14.13 -0.03 -20.98
N GLY A 514 -15.16 0.39 -20.25
CA GLY A 514 -16.40 -0.32 -20.25
C GLY A 514 -17.28 -0.09 -21.46
N ASP A 515 -16.83 0.66 -22.45
CA ASP A 515 -17.64 0.90 -23.64
C ASP A 515 -17.97 -0.40 -24.36
N LEU A 516 -16.99 -1.30 -24.45
CA LEU A 516 -17.27 -2.58 -25.09
C LEU A 516 -18.31 -3.36 -24.30
N TRP A 517 -18.17 -3.38 -22.97
CA TRP A 517 -19.14 -4.05 -22.12
C TRP A 517 -20.55 -3.53 -22.37
N ALA A 518 -20.72 -2.20 -22.41
CA ALA A 518 -22.04 -1.65 -22.68
C ALA A 518 -22.58 -2.09 -24.03
N ARG A 519 -21.72 -2.24 -25.04
CA ARG A 519 -22.21 -2.66 -26.35
C ARG A 519 -22.70 -4.11 -26.32
N GLU A 520 -22.01 -4.97 -25.58
CA GLU A 520 -22.29 -6.40 -25.54
C GLU A 520 -23.30 -6.79 -24.47
N PHE A 521 -23.21 -6.18 -23.29
CA PHE A 521 -24.04 -6.55 -22.17
C PHE A 521 -25.05 -5.50 -21.73
N GLY A 522 -25.08 -4.33 -22.38
CA GLY A 522 -25.92 -3.24 -21.93
C GLY A 522 -25.18 -2.27 -21.04
N PRO A 523 -25.80 -1.12 -20.78
CA PRO A 523 -25.15 -0.09 -19.98
C PRO A 523 -24.69 -0.59 -18.61
N LEU A 524 -23.56 -0.07 -18.13
CA LEU A 524 -22.94 -0.54 -16.90
C LEU A 524 -22.71 0.64 -15.97
N SER A 525 -23.28 0.57 -14.77
CA SER A 525 -23.11 1.55 -13.71
C SER A 525 -22.22 0.94 -12.64
N VAL A 526 -21.25 1.71 -12.18
CA VAL A 526 -20.30 1.29 -11.17
C VAL A 526 -20.55 2.11 -9.91
N GLN A 527 -20.59 1.40 -8.79
CA GLN A 527 -20.90 2.05 -7.50
C GLN A 527 -20.02 1.54 -6.37
N ASN A 528 -19.72 2.40 -5.40
CA ASN A 528 -18.95 2.12 -4.18
C ASN A 528 -17.47 1.96 -4.46
S SO4 B . 1.41 8.92 8.15
O1 SO4 B . 0.50 9.56 7.21
O2 SO4 B . 0.87 7.64 8.43
O3 SO4 B . 1.48 9.72 9.37
O4 SO4 B . 2.74 8.79 7.53
S SO4 C . 8.53 8.81 9.41
O1 SO4 C . 8.67 7.40 9.74
O2 SO4 C . 7.35 8.95 8.55
O3 SO4 C . 9.71 9.26 8.69
O4 SO4 C . 8.39 9.64 10.62
S SO4 D . -8.36 -24.37 -17.05
O1 SO4 D . -8.44 -24.61 -15.60
O2 SO4 D . -9.41 -25.17 -17.69
O3 SO4 D . -7.04 -24.75 -17.57
O4 SO4 D . -8.60 -22.94 -17.34
S SO4 E . -4.42 26.56 -11.05
O1 SO4 E . -4.60 27.73 -10.16
O2 SO4 E . -5.72 26.04 -11.54
O3 SO4 E . -3.65 26.99 -12.25
O4 SO4 E . -3.74 25.44 -10.34
MG MG F . -3.70 -3.93 -17.71
#